data_5SCS
#
_entry.id   5SCS
#
_cell.length_a   30.140
_cell.length_b   66.000
_cell.length_c   78.010
_cell.angle_alpha   90.000
_cell.angle_beta   90.000
_cell.angle_gamma   90.000
#
_symmetry.space_group_name_H-M   'P 21 21 21'
#
loop_
_entity.id
_entity.type
_entity.pdbx_description
1 polymer 'Dihydrofolate reductase'
2 non-polymer 'NADP NICOTINAMIDE-ADENINE-DINUCLEOTIDE PHOSPHATE'
3 non-polymer 3-(2-{3-[(2,4-diamino-6-ethylpyrimidin-5-yl)oxy]propoxy}phenyl)-N-(propane-2-sulfonyl)propanamide
4 water water
#
_entity_poly.entity_id   1
_entity_poly.type   'polypeptide(L)'
_entity_poly.pdbx_seq_one_letter_code
;MGSSHHHHHHSSGLVPRGSHMVGLIWAQATSGVIGRGGDIPWRLPEDQAHFREITMGHTIVMGRRTWDSLPAKVRPLPGR
RNVVLSRQADFMASGAEVVGSLEEALTSPETWVIGGGQVYALALPYATRCEVTEVDIGLPREAGDALAPVLDETWRGETG
EWRFSRSGLRYRLYSYHRS
;
_entity_poly.pdbx_strand_id   A
#
loop_
_chem_comp.id
_chem_comp.type
_chem_comp.name
_chem_comp.formula
GYI non-polymer 3-(2-{3-[(2,4-diamino-6-ethylpyrimidin-5-yl)oxy]propoxy}phenyl)-N-(propane-2-sulfonyl)propanamide 'C21 H31 N5 O5 S'
NAP non-polymer 'NADP NICOTINAMIDE-ADENINE-DINUCLEOTIDE PHOSPHATE' 'C21 H28 N7 O17 P3'
#
# COMPACT_ATOMS: atom_id res chain seq x y z
N GLY A 13 -1.61 10.76 16.89
CA GLY A 13 -2.31 10.14 18.00
C GLY A 13 -2.01 8.66 18.12
N LEU A 14 -1.78 8.19 19.34
CA LEU A 14 -1.47 6.79 19.55
C LEU A 14 -2.73 5.94 19.37
N VAL A 15 -2.53 4.70 18.91
CA VAL A 15 -3.63 3.79 18.64
C VAL A 15 -3.92 3.02 19.93
N PRO A 16 -5.14 3.08 20.45
CA PRO A 16 -5.48 2.21 21.60
C PRO A 16 -5.36 0.76 21.18
N ARG A 17 -4.73 -0.04 22.04
CA ARG A 17 -4.33 -1.39 21.60
C ARG A 17 -5.51 -2.32 21.41
N GLY A 18 -6.71 -1.98 21.89
CA GLY A 18 -7.89 -2.78 21.71
C GLY A 18 -8.66 -2.49 20.45
N SER A 19 -8.23 -1.49 19.68
CA SER A 19 -8.92 -1.13 18.46
C SER A 19 -8.24 -1.81 17.27
N HIS A 20 -8.70 -1.46 16.07
CA HIS A 20 -8.17 -2.06 14.85
C HIS A 20 -8.01 -0.95 13.81
N MET A 21 -6.87 -0.27 13.85
CA MET A 21 -6.56 0.78 12.89
C MET A 21 -6.09 0.14 11.59
N VAL A 22 -6.75 0.46 10.50
CA VAL A 22 -6.37 0.02 9.16
C VAL A 22 -5.96 1.24 8.35
N GLY A 23 -4.75 1.19 7.81
CA GLY A 23 -4.27 2.22 6.90
C GLY A 23 -3.96 1.63 5.54
N LEU A 24 -4.09 2.45 4.49
CA LEU A 24 -3.57 2.10 3.16
C LEU A 24 -2.36 2.95 2.84
N ILE A 25 -1.39 2.37 2.15
CA ILE A 25 -0.23 3.16 1.72
C ILE A 25 0.11 2.75 0.29
N TRP A 26 0.24 3.75 -0.58
CA TRP A 26 0.56 3.48 -1.98
C TRP A 26 1.23 4.69 -2.61
N ALA A 27 1.82 4.45 -3.77
CA ALA A 27 2.36 5.51 -4.63
C ALA A 27 1.66 5.44 -5.98
N GLN A 28 1.31 6.60 -6.53
CA GLN A 28 0.54 6.63 -7.77
C GLN A 28 1.10 7.68 -8.70
N ALA A 29 0.91 7.46 -9.99
CA ALA A 29 1.06 8.51 -10.97
C ALA A 29 -0.10 9.50 -10.85
N THR A 30 0.05 10.67 -11.48
CA THR A 30 -1.01 11.66 -11.46
C THR A 30 -2.35 11.07 -11.87
N SER A 31 -2.34 10.16 -12.84
CA SER A 31 -3.53 9.54 -13.37
C SER A 31 -4.17 8.52 -12.43
N GLY A 32 -3.48 8.13 -11.36
CA GLY A 32 -3.99 7.06 -10.51
C GLY A 32 -3.42 5.68 -10.79
N VAL A 33 -2.61 5.52 -11.85
CA VAL A 33 -1.98 4.24 -12.09
C VAL A 33 -1.02 3.91 -10.96
N ILE A 34 -1.15 2.71 -10.41
CA ILE A 34 -0.18 2.23 -9.42
C ILE A 34 0.59 1.01 -9.89
N GLY A 35 0.13 0.28 -10.90
CA GLY A 35 0.79 -0.96 -11.26
C GLY A 35 0.53 -1.31 -12.70
N ARG A 36 1.49 -1.98 -13.31
CA ARG A 36 1.46 -2.24 -14.75
C ARG A 36 2.39 -3.39 -15.03
N GLY A 37 1.88 -4.45 -15.66
CA GLY A 37 2.73 -5.57 -16.07
C GLY A 37 3.40 -6.28 -14.92
N GLY A 38 2.77 -6.30 -13.75
CA GLY A 38 3.35 -6.94 -12.59
C GLY A 38 4.40 -6.14 -11.88
N ASP A 39 4.50 -4.84 -12.13
CA ASP A 39 5.55 -4.03 -11.52
C ASP A 39 4.98 -2.65 -11.26
N ILE A 40 5.78 -1.80 -10.65
CA ILE A 40 5.49 -0.38 -10.50
C ILE A 40 6.24 0.35 -11.61
N PRO A 41 5.55 1.14 -12.48
CA PRO A 41 6.20 1.69 -13.67
C PRO A 41 7.00 2.97 -13.42
N TRP A 42 7.72 3.02 -12.30
CA TRP A 42 8.70 4.05 -12.03
C TRP A 42 9.56 3.54 -10.88
N ARG A 43 10.63 4.27 -10.59
CA ARG A 43 11.49 3.96 -9.46
C ARG A 43 11.72 5.22 -8.66
N LEU A 44 11.45 5.15 -7.36
CA LEU A 44 11.52 6.31 -6.47
C LEU A 44 12.08 5.85 -5.13
N PRO A 45 13.39 5.64 -5.06
CA PRO A 45 13.98 5.11 -3.82
C PRO A 45 13.70 5.97 -2.59
N GLU A 46 13.49 7.27 -2.78
CA GLU A 46 13.04 8.11 -1.67
C GLU A 46 11.70 7.65 -1.11
N ASP A 47 10.82 7.13 -1.96
CA ASP A 47 9.50 6.70 -1.51
C ASP A 47 9.61 5.50 -0.58
N GLN A 48 10.63 4.65 -0.78
CA GLN A 48 10.85 3.52 0.11
C GLN A 48 11.07 3.97 1.56
N ALA A 49 11.64 5.15 1.77
CA ALA A 49 11.94 5.60 3.13
C ALA A 49 10.68 5.89 3.91
N HIS A 50 9.74 6.62 3.30
CA HIS A 50 8.46 6.89 3.94
C HIS A 50 7.68 5.59 4.14
N PHE A 51 7.73 4.70 3.16
CA PHE A 51 7.04 3.42 3.27
C PHE A 51 7.51 2.64 4.48
N ARG A 52 8.82 2.68 4.76
CA ARG A 52 9.37 1.92 5.88
C ARG A 52 8.98 2.54 7.21
N GLU A 53 9.10 3.87 7.34
CA GLU A 53 8.73 4.49 8.60
C GLU A 53 7.26 4.27 8.92
N ILE A 54 6.39 4.25 7.91
CA ILE A 54 4.96 4.07 8.17
C ILE A 54 4.66 2.63 8.58
N THR A 55 5.28 1.66 7.92
CA THR A 55 4.85 0.28 8.10
C THR A 55 5.66 -0.48 9.14
N MET A 56 6.86 -0.03 9.51
CA MET A 56 7.74 -0.84 10.33
C MET A 56 7.09 -1.17 11.67
N GLY A 57 7.18 -2.43 12.05
CA GLY A 57 6.69 -2.88 13.34
C GLY A 57 5.22 -3.18 13.39
N HIS A 58 4.52 -3.10 12.26
CA HIS A 58 3.11 -3.40 12.20
C HIS A 58 2.85 -4.56 11.24
N THR A 59 1.61 -5.02 11.24
CA THR A 59 1.22 -6.04 10.28
C THR A 59 0.99 -5.36 8.93
N ILE A 60 1.52 -5.97 7.87
CA ILE A 60 1.26 -5.53 6.51
C ILE A 60 0.47 -6.60 5.78
N VAL A 61 -0.52 -6.15 5.00
CA VAL A 61 -1.43 -7.02 4.24
C VAL A 61 -1.29 -6.70 2.76
N MET A 62 -1.17 -7.74 1.93
CA MET A 62 -1.01 -7.54 0.50
C MET A 62 -1.73 -8.65 -0.26
N GLY A 63 -2.15 -8.33 -1.48
CA GLY A 63 -2.65 -9.38 -2.34
C GLY A 63 -1.53 -10.25 -2.91
N ARG A 64 -1.92 -11.44 -3.37
CA ARG A 64 -0.94 -12.42 -3.86
C ARG A 64 -0.09 -11.83 -4.98
N ARG A 65 -0.70 -11.06 -5.89
CA ARG A 65 0.08 -10.52 -7.00
C ARG A 65 1.13 -9.52 -6.53
N THR A 66 0.87 -8.81 -5.43
CA THR A 66 1.87 -7.91 -4.88
C THR A 66 3.00 -8.68 -4.23
N TRP A 67 2.67 -9.76 -3.52
CA TRP A 67 3.70 -10.67 -3.04
C TRP A 67 4.59 -11.13 -4.19
N ASP A 68 3.98 -11.56 -5.30
CA ASP A 68 4.76 -11.99 -6.47
C ASP A 68 5.68 -10.89 -6.97
N SER A 69 5.25 -9.62 -6.83
CA SER A 69 6.02 -8.51 -7.36
C SER A 69 7.20 -8.11 -6.47
N LEU A 70 7.19 -8.54 -5.21
CA LEU A 70 8.29 -8.21 -4.31
C LEU A 70 9.58 -8.90 -4.76
N PRO A 71 10.71 -8.21 -4.72
CA PRO A 71 11.98 -8.90 -5.00
C PRO A 71 12.27 -9.94 -3.93
N ALA A 72 12.83 -11.07 -4.37
CA ALA A 72 13.11 -12.16 -3.44
C ALA A 72 14.03 -11.73 -2.31
N LYS A 73 14.89 -10.73 -2.55
CA LYS A 73 15.84 -10.33 -1.52
C LYS A 73 15.15 -9.65 -0.34
N VAL A 74 13.99 -9.04 -0.56
CA VAL A 74 13.26 -8.37 0.51
C VAL A 74 11.91 -9.06 0.70
N ARG A 75 11.87 -10.37 0.60
CA ARG A 75 10.59 -11.05 0.68
C ARG A 75 10.65 -12.26 1.62
N PRO A 76 9.92 -12.21 2.75
CA PRO A 76 9.00 -11.20 3.31
C PRO A 76 9.70 -9.89 3.71
N LEU A 77 8.94 -8.80 3.78
CA LEU A 77 9.54 -7.54 4.20
C LEU A 77 9.90 -7.60 5.68
N PRO A 78 11.15 -7.32 6.06
CA PRO A 78 11.58 -7.56 7.45
C PRO A 78 10.91 -6.60 8.43
N GLY A 79 10.86 -7.04 9.68
CA GLY A 79 10.38 -6.18 10.76
C GLY A 79 8.88 -5.96 10.77
N ARG A 80 8.14 -6.69 9.93
CA ARG A 80 6.69 -6.57 9.79
C ARG A 80 6.12 -7.96 9.62
N ARG A 81 4.94 -8.18 10.20
CA ARG A 81 4.24 -9.44 10.03
C ARG A 81 3.55 -9.42 8.67
N ASN A 82 4.00 -10.29 7.76
CA ASN A 82 3.55 -10.24 6.36
C ASN A 82 2.34 -11.14 6.18
N VAL A 83 1.23 -10.57 5.71
CA VAL A 83 0.01 -11.34 5.44
C VAL A 83 -0.33 -11.21 3.96
N VAL A 84 -0.59 -12.34 3.30
CA VAL A 84 -0.90 -12.39 1.88
C VAL A 84 -2.31 -12.94 1.71
N LEU A 85 -3.15 -12.21 0.99
CA LEU A 85 -4.48 -12.69 0.59
C LEU A 85 -4.41 -13.47 -0.71
N SER A 86 -4.93 -14.69 -0.69
CA SER A 86 -5.03 -15.52 -1.89
C SER A 86 -6.22 -16.44 -1.73
N ARG A 87 -6.85 -16.83 -2.84
CA ARG A 87 -7.82 -17.90 -2.79
C ARG A 87 -7.20 -19.26 -3.05
N GLN A 88 -5.89 -19.30 -3.27
CA GLN A 88 -5.15 -20.54 -3.49
C GLN A 88 -4.71 -21.11 -2.15
N ALA A 89 -5.37 -22.19 -1.70
CA ALA A 89 -5.03 -22.75 -0.40
C ALA A 89 -3.59 -23.24 -0.34
N ASP A 90 -3.01 -23.62 -1.47
CA ASP A 90 -1.67 -24.20 -1.48
C ASP A 90 -0.59 -23.18 -1.83
N PHE A 91 -0.89 -21.88 -1.72
CA PHE A 91 0.08 -20.89 -2.15
C PHE A 91 1.30 -20.89 -1.23
N MET A 92 2.48 -20.81 -1.84
CA MET A 92 3.74 -20.76 -1.10
C MET A 92 4.15 -19.31 -0.93
N ALA A 93 4.06 -18.80 0.30
CA ALA A 93 4.55 -17.48 0.66
C ALA A 93 5.49 -17.66 1.85
N SER A 94 6.74 -18.04 1.58
CA SER A 94 7.65 -18.42 2.65
C SER A 94 7.95 -17.24 3.55
N GLY A 95 7.83 -17.45 4.86
CA GLY A 95 8.07 -16.40 5.83
C GLY A 95 6.90 -15.49 6.06
N ALA A 96 5.80 -15.69 5.35
CA ALA A 96 4.55 -14.95 5.52
C ALA A 96 3.44 -15.92 5.90
N GLU A 97 2.23 -15.39 6.05
CA GLU A 97 1.04 -16.20 6.24
C GLU A 97 0.02 -15.86 5.15
N VAL A 98 -0.73 -16.86 4.71
CA VAL A 98 -1.72 -16.73 3.65
C VAL A 98 -3.10 -16.90 4.27
N VAL A 99 -3.96 -15.92 4.05
CA VAL A 99 -5.35 -15.99 4.48
C VAL A 99 -6.23 -15.92 3.24
N GLY A 100 -7.41 -16.51 3.34
CA GLY A 100 -8.27 -16.67 2.19
C GLY A 100 -9.36 -15.66 2.08
N SER A 101 -9.39 -14.67 2.98
CA SER A 101 -10.37 -13.60 2.97
C SER A 101 -9.82 -12.47 3.83
N LEU A 102 -10.59 -11.37 3.90
CA LEU A 102 -10.12 -10.16 4.56
C LEU A 102 -10.26 -10.20 6.07
N GLU A 103 -11.28 -10.90 6.59
CA GLU A 103 -11.59 -10.83 8.01
C GLU A 103 -10.38 -11.21 8.86
N GLU A 104 -9.73 -12.32 8.55
CA GLU A 104 -8.58 -12.75 9.33
C GLU A 104 -7.32 -11.97 9.01
N ALA A 105 -7.35 -11.07 8.04
CA ALA A 105 -6.19 -10.26 7.73
C ALA A 105 -6.06 -9.04 8.64
N LEU A 106 -7.16 -8.60 9.26
CA LEU A 106 -7.23 -7.28 9.90
C LEU A 106 -7.40 -7.36 11.42
N THR A 107 -6.81 -8.38 12.04
CA THR A 107 -6.98 -8.64 13.46
C THR A 107 -5.99 -7.90 14.36
N SER A 108 -4.95 -7.29 13.80
CA SER A 108 -3.93 -6.60 14.58
C SER A 108 -4.42 -5.23 15.01
N PRO A 109 -3.79 -4.65 16.04
CA PRO A 109 -4.16 -3.28 16.41
C PRO A 109 -3.87 -2.27 15.31
N GLU A 110 -2.77 -2.45 14.58
CA GLU A 110 -2.38 -1.55 13.50
C GLU A 110 -2.00 -2.38 12.29
N THR A 111 -2.66 -2.13 11.16
CA THR A 111 -2.44 -2.89 9.95
C THR A 111 -2.28 -1.91 8.80
N TRP A 112 -1.24 -2.11 7.99
CA TRP A 112 -1.06 -1.32 6.79
C TRP A 112 -1.25 -2.22 5.57
N VAL A 113 -2.20 -1.84 4.72
CA VAL A 113 -2.45 -2.53 3.45
C VAL A 113 -1.51 -1.91 2.42
N ILE A 114 -0.65 -2.73 1.83
CA ILE A 114 0.43 -2.26 0.98
C ILE A 114 0.19 -2.62 -0.49
N GLY A 115 -1.02 -3.05 -0.85
CA GLY A 115 -1.37 -3.25 -2.25
C GLY A 115 -1.89 -4.65 -2.53
N GLY A 116 -2.32 -4.93 -3.77
CA GLY A 116 -2.32 -4.00 -4.88
C GLY A 116 -3.68 -3.39 -5.11
N GLY A 117 -4.04 -3.18 -6.38
CA GLY A 117 -5.32 -2.52 -6.67
C GLY A 117 -6.52 -3.22 -6.07
N GLN A 118 -6.57 -4.55 -6.22
CA GLN A 118 -7.73 -5.30 -5.70
C GLN A 118 -7.83 -5.19 -4.20
N VAL A 119 -6.70 -5.35 -3.49
CA VAL A 119 -6.74 -5.40 -2.04
C VAL A 119 -6.92 -4.01 -1.42
N TYR A 120 -6.43 -2.95 -2.09
CA TYR A 120 -6.76 -1.59 -1.65
C TYR A 120 -8.26 -1.37 -1.65
N ALA A 121 -8.93 -1.76 -2.75
CA ALA A 121 -10.38 -1.57 -2.84
C ALA A 121 -11.09 -2.39 -1.78
N LEU A 122 -10.60 -3.60 -1.50
CA LEU A 122 -11.23 -4.48 -0.52
C LEU A 122 -11.14 -3.90 0.89
N ALA A 123 -9.99 -3.33 1.25
CA ALA A 123 -9.75 -2.85 2.60
C ALA A 123 -10.22 -1.43 2.87
N LEU A 124 -10.35 -0.61 1.82
CA LEU A 124 -10.66 0.80 2.01
C LEU A 124 -11.85 1.08 2.92
N PRO A 125 -12.98 0.35 2.85
CA PRO A 125 -14.13 0.69 3.71
C PRO A 125 -13.79 0.71 5.19
N TYR A 126 -12.77 -0.01 5.61
CA TYR A 126 -12.39 -0.13 7.02
C TYR A 126 -11.23 0.77 7.40
N ALA A 127 -10.64 1.47 6.43
CA ALA A 127 -9.43 2.24 6.67
C ALA A 127 -9.74 3.64 7.18
N THR A 128 -8.86 4.14 8.04
CA THR A 128 -8.96 5.51 8.53
C THR A 128 -7.74 6.35 8.23
N ARG A 129 -6.73 5.79 7.56
CA ARG A 129 -5.59 6.53 7.07
C ARG A 129 -5.23 6.09 5.67
N CYS A 130 -4.84 7.04 4.81
CA CYS A 130 -4.18 6.77 3.54
C CYS A 130 -2.91 7.61 3.47
N GLU A 131 -1.79 6.96 3.19
CA GLU A 131 -0.51 7.62 2.94
C GLU A 131 -0.22 7.47 1.45
N VAL A 132 -0.27 8.58 0.70
CA VAL A 132 -0.29 8.53 -0.75
C VAL A 132 0.88 9.35 -1.29
N THR A 133 1.81 8.68 -1.96
CA THR A 133 2.84 9.37 -2.72
C THR A 133 2.32 9.58 -4.13
N GLU A 134 2.28 10.84 -4.56
CA GLU A 134 1.93 11.20 -5.93
C GLU A 134 3.23 11.45 -6.70
N VAL A 135 3.41 10.70 -7.79
CA VAL A 135 4.58 10.84 -8.66
C VAL A 135 4.15 11.63 -9.88
N ASP A 136 4.89 12.69 -10.21
CA ASP A 136 4.55 13.56 -11.34
C ASP A 136 5.06 12.93 -12.64
N ILE A 137 4.42 11.84 -13.01
CA ILE A 137 4.74 11.11 -14.24
C ILE A 137 3.44 10.93 -15.01
N GLY A 138 3.48 11.26 -16.30
CA GLY A 138 2.28 11.24 -17.12
C GLY A 138 2.01 9.90 -17.74
N LEU A 139 1.53 8.96 -16.95
CA LEU A 139 1.20 7.65 -17.47
C LEU A 139 -0.31 7.54 -17.61
N PRO A 140 -0.87 7.61 -18.81
CA PRO A 140 -2.32 7.50 -18.95
C PRO A 140 -2.79 6.10 -18.57
N ARG A 141 -4.01 6.04 -18.03
CA ARG A 141 -4.60 4.75 -17.70
C ARG A 141 -4.72 3.88 -18.95
N GLU A 142 -4.36 2.61 -18.80
CA GLU A 142 -4.36 1.63 -19.86
C GLU A 142 -5.07 0.36 -19.40
N ALA A 143 -5.62 -0.40 -20.34
CA ALA A 143 -6.29 -1.65 -20.02
C ALA A 143 -5.39 -2.54 -19.18
N GLY A 144 -5.95 -3.12 -18.12
CA GLY A 144 -5.19 -3.98 -17.25
C GLY A 144 -4.37 -3.29 -16.18
N ASP A 145 -4.29 -1.95 -16.18
CA ASP A 145 -3.56 -1.25 -15.14
C ASP A 145 -4.16 -1.52 -13.77
N ALA A 146 -3.30 -1.59 -12.76
CA ALA A 146 -3.76 -1.50 -11.38
C ALA A 146 -3.88 -0.03 -11.01
N LEU A 147 -4.94 0.30 -10.26
CA LEU A 147 -5.29 1.69 -10.01
C LEU A 147 -5.45 1.95 -8.53
N ALA A 148 -5.15 3.19 -8.15
CA ALA A 148 -5.42 3.65 -6.78
C ALA A 148 -6.93 3.64 -6.51
N PRO A 149 -7.35 3.36 -5.28
CA PRO A 149 -8.78 3.45 -4.96
C PRO A 149 -9.26 4.89 -4.95
N VAL A 150 -10.54 5.06 -5.24
CA VAL A 150 -11.18 6.38 -5.20
C VAL A 150 -11.56 6.69 -3.75
N LEU A 151 -11.14 7.85 -3.27
CA LEU A 151 -11.49 8.30 -1.92
C LEU A 151 -12.78 9.11 -1.98
N ASP A 152 -13.75 8.75 -1.15
CA ASP A 152 -14.97 9.54 -1.09
C ASP A 152 -14.76 10.77 -0.21
N GLU A 153 -15.85 11.53 0.00
CA GLU A 153 -15.79 12.83 0.65
C GLU A 153 -15.59 12.74 2.16
N THR A 154 -15.55 11.53 2.74
CA THR A 154 -15.29 11.45 4.17
C THR A 154 -13.83 11.67 4.51
N TRP A 155 -12.94 11.56 3.54
CA TRP A 155 -11.52 11.73 3.81
C TRP A 155 -11.14 13.19 3.84
N ARG A 156 -10.06 13.48 4.57
CA ARG A 156 -9.49 14.82 4.60
C ARG A 156 -8.01 14.65 4.85
N GLY A 157 -7.24 15.70 4.60
CA GLY A 157 -5.84 15.60 4.94
C GLY A 157 -5.02 16.73 4.37
N GLU A 158 -3.73 16.46 4.28
CA GLU A 158 -2.71 17.45 3.99
C GLU A 158 -1.96 17.07 2.71
N THR A 159 -1.70 18.08 1.89
CA THR A 159 -0.91 17.93 0.67
C THR A 159 0.48 18.47 0.95
N GLY A 160 1.52 17.61 0.79
CA GLY A 160 2.88 18.06 0.93
C GLY A 160 3.40 18.78 -0.29
N GLU A 161 4.58 19.38 -0.12
CA GLU A 161 5.24 20.10 -1.21
C GLU A 161 5.89 19.12 -2.17
N TRP A 162 5.95 19.51 -3.45
CA TRP A 162 6.73 18.75 -4.41
C TRP A 162 8.21 18.77 -4.03
N ARG A 163 8.89 17.64 -4.29
CA ARG A 163 10.33 17.54 -4.17
C ARG A 163 10.86 16.73 -5.34
N PHE A 164 12.11 17.02 -5.74
CA PHE A 164 12.77 16.23 -6.76
C PHE A 164 13.49 15.04 -6.12
N SER A 165 13.33 13.87 -6.72
CA SER A 165 14.21 12.77 -6.37
C SER A 165 15.59 13.01 -6.96
N ARG A 166 16.55 12.16 -6.58
CA ARG A 166 17.90 12.26 -7.15
C ARG A 166 17.87 12.14 -8.67
N SER A 167 16.94 11.34 -9.20
CA SER A 167 16.82 11.09 -10.63
C SER A 167 16.13 12.21 -11.38
N GLY A 168 15.57 13.21 -10.69
CA GLY A 168 14.84 14.28 -11.34
C GLY A 168 13.34 14.08 -11.36
N LEU A 169 12.86 12.93 -10.90
CA LEU A 169 11.42 12.69 -10.80
C LEU A 169 10.86 13.47 -9.62
N ARG A 170 9.71 14.09 -9.83
CA ARG A 170 9.06 14.95 -8.85
C ARG A 170 7.96 14.17 -8.12
N TYR A 171 7.90 14.34 -6.81
CA TYR A 171 6.91 13.61 -6.00
C TYR A 171 6.50 14.42 -4.77
N ARG A 172 5.34 14.08 -4.22
CA ARG A 172 4.84 14.72 -3.02
C ARG A 172 3.95 13.75 -2.28
N LEU A 173 3.73 14.04 -1.00
CA LEU A 173 3.05 13.13 -0.10
C LEU A 173 1.72 13.72 0.35
N TYR A 174 0.68 12.91 0.25
CA TYR A 174 -0.62 13.22 0.84
C TYR A 174 -0.80 12.34 2.06
N SER A 175 -1.27 12.93 3.14
CA SER A 175 -1.64 12.17 4.34
C SER A 175 -3.13 12.39 4.54
N TYR A 176 -3.92 11.35 4.30
CA TYR A 176 -5.36 11.43 4.48
C TYR A 176 -5.78 10.67 5.72
N HIS A 177 -6.87 11.13 6.32
CA HIS A 177 -7.43 10.46 7.48
C HIS A 177 -8.94 10.67 7.51
N ARG A 178 -9.60 9.82 8.27
CA ARG A 178 -11.01 10.03 8.56
C ARG A 178 -11.32 9.33 9.88
N SER A 179 -12.52 9.58 10.39
CA SER A 179 -12.91 9.06 11.69
C SER A 179 -13.12 7.54 11.65
PA NAP B . -3.26 -7.59 -5.80
O1A NAP B . -4.34 -6.73 -5.21
O2A NAP B . -1.90 -7.32 -5.29
O5B NAP B . -3.58 -9.18 -5.60
C5B NAP B . -4.74 -9.69 -6.14
C4B NAP B . -4.87 -11.11 -5.61
O4B NAP B . -5.19 -11.05 -4.35
C3B NAP B . -6.03 -11.87 -6.28
O3B NAP B . -5.64 -12.38 -7.49
C2B NAP B . -6.29 -12.93 -5.21
O2B NAP B . -5.14 -13.86 -5.24
C1B NAP B . -6.20 -12.25 -4.07
N9A NAP B . -7.45 -11.62 -3.63
C8A NAP B . -8.06 -10.52 -4.04
N7A NAP B . -9.19 -10.36 -3.32
C5A NAP B . -9.24 -11.40 -2.44
C6A NAP B . -10.17 -11.73 -1.48
N6A NAP B . -11.38 -11.03 -1.12
N1A NAP B . -9.99 -12.83 -0.75
C2A NAP B . -8.89 -13.62 -0.95
N3A NAP B . -7.98 -13.29 -1.89
C4A NAP B . -8.18 -12.17 -2.64
O3 NAP B . -3.29 -7.53 -7.45
PN NAP B . -3.41 -6.18 -8.45
O1N NAP B . -4.72 -5.44 -8.26
O2N NAP B . -3.24 -6.75 -9.84
O5D NAP B . -2.16 -5.21 -8.00
C5D NAP B . -0.83 -5.65 -8.22
C4D NAP B . -0.13 -4.52 -8.98
O4D NAP B . -0.06 -3.47 -8.16
C3D NAP B . 1.31 -4.85 -9.37
O3D NAP B . 1.57 -4.23 -10.57
C2D NAP B . 2.12 -4.20 -8.23
O2D NAP B . 3.54 -3.99 -8.64
C1D NAP B . 1.48 -3.06 -8.04
N1N NAP B . 1.62 -2.44 -6.75
C2N NAP B . 1.83 -1.09 -6.66
C3N NAP B . 1.96 -0.46 -5.42
C7N NAP B . 2.18 1.02 -5.37
O7N NAP B . 2.17 1.60 -4.35
N7N NAP B . 2.39 1.69 -6.62
C4N NAP B . 1.90 -1.21 -4.26
C5N NAP B . 1.69 -2.56 -4.35
C6N NAP B . 1.55 -3.18 -5.59
P2B NAP B . -5.21 -15.31 -6.04
O1X NAP B . -5.27 -14.99 -7.49
O2X NAP B . -6.49 -16.02 -5.59
O3X NAP B . -3.91 -16.01 -5.68
C12 GYI C . 5.05 -1.86 -1.49
C13 GYI C . 5.17 -3.20 -2.20
C14 GYI C . 6.03 -3.13 -3.45
O15 GYI C . 7.38 -3.16 -2.94
C16 GYI C . 8.49 -3.05 -3.75
C18 GYI C . 9.73 -3.64 -1.65
C26 GYI C . 12.56 -2.90 2.91
C29 GYI C . 10.86 -3.22 -3.89
C30 GYI C . 10.82 -2.90 -5.24
C31 GYI C . 9.59 -2.67 -5.84
C32 GYI C . 8.43 -2.75 -5.09
C01 GYI C . 7.98 1.06 -2.31
C02 GYI C . 6.74 1.01 -3.24
C03 GYI C . 5.53 1.38 -2.42
N04 GYI C . 5.44 2.65 -2.02
C05 GYI C . 4.39 3.04 -1.29
N06 GYI C . 4.34 4.34 -0.91
N07 GYI C . 3.42 2.21 -0.92
C08 GYI C . 3.50 0.94 -1.32
N09 GYI C . 2.53 0.06 -0.97
C10 GYI C . 4.56 0.48 -2.09
O11 GYI C . 4.56 -0.87 -2.44
C17 GYI C . 9.73 -3.30 -3.13
C19 GYI C . 9.47 -2.45 -0.70
C20 GYI C . 10.67 -2.15 0.16
O21 GYI C . 11.83 -2.13 -0.22
N22 GYI C . 10.31 -1.88 1.47
S23 GYI C . 11.38 -1.47 2.77
O24 GYI C . 12.25 -0.21 2.37
O25 GYI C . 10.57 -1.43 4.12
C27 GYI C . 13.86 -2.63 2.16
C28 GYI C . 11.88 -4.23 2.65
#